data_3SYP
#
_entry.id   3SYP
#
_cell.length_a   85.431
_cell.length_b   85.431
_cell.length_c   178.209
_cell.angle_alpha   90.000
_cell.angle_beta   90.000
_cell.angle_gamma   90.000
#
_symmetry.space_group_name_H-M   'P 4 21 2'
#
loop_
_entity.id
_entity.type
_entity.pdbx_description
1 polymer 'G protein-activated inward rectifier potassium channel 2'
2 non-polymer 'POTASSIUM ION'
#
_entity_poly.entity_id   1
_entity_poly.type   'polypeptide(L)'
_entity_poly.pdbx_seq_one_letter_code
;MAKRKIQRYVRKDGKCNVHHGNVRETYRYLTDIFTTLVDLKWRFNLLIFVMVYTVTWLFFGMIWWLIAYIRGDMDHIEDP
SWTPCVTNLNGFVSAFLFSIETETTIGYGYRVITDKCPEGIILLLIQSVLGSIVNAFMVGCMFVKISQPKKAAETLVFST
HAVISMRDGKLCLMFRVGDLRNSHIVEASIRAKLIKSKQTSEGEFIPLNQTDINVGYYTGDDRLFLVSPLIISHEINQQS
PFWEISKAQLPKEELEIVVILEGMVEATGMTCQARSSYITSEILWGYRFTPVLTLEDGFYEVDYNSFHETYETSTPSLSA
KELAELANRAESNSLEVLFQ
;
_entity_poly.pdbx_strand_id   A
#
loop_
_chem_comp.id
_chem_comp.type
_chem_comp.name
_chem_comp.formula
K non-polymer 'POTASSIUM ION' 'K 1'
#
# COMPACT_ATOMS: atom_id res chain seq x y z
N ILE A 6 -21.86 8.87 11.87
CA ILE A 6 -20.90 7.72 11.97
C ILE A 6 -19.68 8.05 11.12
N GLN A 7 -18.47 7.76 11.62
CA GLN A 7 -17.20 8.15 10.97
C GLN A 7 -16.94 7.46 9.63
N ARG A 8 -15.73 7.59 9.09
CA ARG A 8 -15.40 7.06 7.76
C ARG A 8 -14.83 5.65 7.79
N TYR A 9 -14.94 4.94 6.67
CA TYR A 9 -14.43 3.57 6.57
C TYR A 9 -12.97 3.50 6.15
N VAL A 10 -12.61 4.37 5.22
CA VAL A 10 -11.24 4.41 4.73
C VAL A 10 -10.68 5.81 4.91
N ARG A 11 -9.56 5.92 5.61
CA ARG A 11 -8.89 7.19 5.81
C ARG A 11 -8.31 7.69 4.50
N LYS A 12 -7.95 8.96 4.44
CA LYS A 12 -7.42 9.57 3.24
C LYS A 12 -6.05 9.03 2.89
N ASP A 13 -5.41 8.36 3.86
CA ASP A 13 -4.10 7.79 3.62
C ASP A 13 -4.17 6.30 3.30
N GLY A 14 -5.38 5.76 3.23
CA GLY A 14 -5.59 4.40 2.74
C GLY A 14 -5.96 3.37 3.78
N LYS A 15 -5.61 3.62 5.03
CA LYS A 15 -5.86 2.69 6.12
C LYS A 15 -7.36 2.62 6.43
N CYS A 16 -7.86 1.43 6.77
CA CYS A 16 -9.26 1.27 7.18
C CYS A 16 -9.52 1.64 8.65
N ASN A 17 -10.79 1.81 8.97
CA ASN A 17 -11.23 2.09 10.32
C ASN A 17 -12.11 0.99 10.84
N VAL A 18 -11.66 -0.25 10.69
CA VAL A 18 -12.47 -1.40 11.06
C VAL A 18 -11.56 -2.40 11.78
N HIS A 19 -11.97 -2.86 12.95
CA HIS A 19 -11.13 -3.78 13.72
C HIS A 19 -11.64 -5.23 13.71
N HIS A 20 -10.69 -6.17 13.68
CA HIS A 20 -10.95 -7.61 13.53
C HIS A 20 -11.05 -8.35 14.87
N TYR A 27 -2.28 -14.02 17.26
CA TYR A 27 -2.95 -15.23 17.75
C TYR A 27 -3.19 -16.22 16.61
N ARG A 28 -4.16 -15.89 15.75
CA ARG A 28 -4.46 -16.67 14.56
C ARG A 28 -3.51 -16.31 13.41
N TYR A 29 -2.98 -15.08 13.44
CA TYR A 29 -2.08 -14.57 12.42
C TYR A 29 -0.67 -15.20 12.44
N LEU A 30 -0.40 -16.05 13.45
CA LEU A 30 0.85 -16.81 13.53
C LEU A 30 1.08 -17.76 12.34
N THR A 31 0.10 -17.85 11.45
CA THR A 31 0.18 -18.62 10.22
C THR A 31 1.25 -18.08 9.25
N ASP A 32 1.37 -16.75 9.19
CA ASP A 32 2.44 -16.10 8.42
C ASP A 32 3.25 -15.14 9.31
N ILE A 33 4.12 -15.73 10.14
CA ILE A 33 5.02 -14.99 11.03
C ILE A 33 5.99 -14.08 10.26
N PHE A 34 6.35 -14.52 9.04
CA PHE A 34 7.21 -13.77 8.14
C PHE A 34 6.60 -12.41 7.81
N THR A 35 5.31 -12.42 7.49
CA THR A 35 4.55 -11.21 7.17
C THR A 35 4.49 -10.30 8.39
N THR A 36 4.30 -10.92 9.55
CA THR A 36 4.33 -10.22 10.83
C THR A 36 5.70 -9.56 11.05
N LEU A 37 6.75 -10.24 10.59
CA LEU A 37 8.11 -9.75 10.75
C LEU A 37 8.46 -8.55 9.88
N VAL A 38 7.93 -8.50 8.64
CA VAL A 38 8.25 -7.39 7.73
C VAL A 38 7.52 -6.11 8.11
N ASP A 39 6.28 -6.22 8.57
CA ASP A 39 5.45 -5.05 8.92
C ASP A 39 5.95 -4.33 10.18
N LEU A 40 6.99 -4.87 10.82
CA LEU A 40 7.58 -4.28 12.01
C LEU A 40 8.42 -3.06 11.69
N LYS A 41 8.57 -2.15 12.65
CA LYS A 41 9.51 -1.04 12.48
C LYS A 41 10.92 -1.55 12.78
N TRP A 42 11.92 -1.00 12.08
CA TRP A 42 13.29 -1.49 12.15
C TRP A 42 13.74 -1.78 13.58
N ARG A 43 13.52 -0.83 14.49
CA ARG A 43 13.98 -0.95 15.89
C ARG A 43 13.71 -2.36 16.43
N PHE A 44 12.46 -2.80 16.31
CA PHE A 44 12.06 -4.13 16.72
C PHE A 44 12.72 -5.22 15.89
N ASN A 45 12.64 -5.09 14.57
CA ASN A 45 13.22 -6.05 13.62
C ASN A 45 14.67 -6.44 13.94
N LEU A 46 15.51 -5.44 14.16
CA LEU A 46 16.90 -5.65 14.54
C LEU A 46 16.98 -6.36 15.87
N LEU A 47 16.19 -5.87 16.82
CA LEU A 47 16.10 -6.47 18.15
C LEU A 47 15.76 -7.95 18.07
N ILE A 48 14.90 -8.33 17.13
CA ILE A 48 14.58 -9.74 16.92
C ILE A 48 15.87 -10.47 16.56
N PHE A 49 16.55 -9.96 15.52
CA PHE A 49 17.77 -10.59 15.01
C PHE A 49 18.93 -10.57 15.98
N VAL A 50 19.01 -9.52 16.78
CA VAL A 50 19.95 -9.46 17.88
C VAL A 50 19.71 -10.68 18.77
N MET A 51 18.46 -10.84 19.20
CA MET A 51 18.05 -11.92 20.09
C MET A 51 18.26 -13.30 19.45
N VAL A 52 17.76 -13.44 18.23
CA VAL A 52 17.83 -14.70 17.48
C VAL A 52 19.26 -15.23 17.38
N TYR A 53 20.21 -14.34 17.15
CA TYR A 53 21.61 -14.74 17.13
C TYR A 53 22.15 -15.14 18.50
N THR A 54 21.87 -14.33 19.52
CA THR A 54 22.33 -14.63 20.87
C THR A 54 21.83 -16.00 21.32
N VAL A 55 20.53 -16.24 21.16
CA VAL A 55 19.92 -17.48 21.64
C VAL A 55 20.53 -18.74 21.01
N THR A 56 20.99 -18.65 19.77
CA THR A 56 21.71 -19.75 19.12
C THR A 56 23.10 -19.89 19.71
N TRP A 57 23.77 -18.75 19.88
CA TRP A 57 25.11 -18.70 20.45
C TRP A 57 25.10 -19.15 21.91
N LEU A 58 24.01 -18.86 22.62
CA LEU A 58 23.77 -19.39 23.95
C LEU A 58 23.61 -20.89 23.90
N PHE A 59 22.67 -21.37 23.09
CA PHE A 59 22.41 -22.82 22.96
C PHE A 59 23.63 -23.62 22.54
N PHE A 60 24.29 -23.21 21.46
CA PHE A 60 25.43 -23.95 20.93
C PHE A 60 26.64 -23.91 21.85
N GLY A 61 26.88 -22.75 22.46
CA GLY A 61 27.93 -22.60 23.47
C GLY A 61 27.74 -23.54 24.65
N MET A 62 26.49 -23.66 25.10
CA MET A 62 26.11 -24.57 26.18
C MET A 62 26.22 -26.05 25.77
N ILE A 63 26.43 -26.31 24.48
CA ILE A 63 26.68 -27.68 24.03
C ILE A 63 28.18 -27.96 23.92
N TRP A 64 28.98 -26.92 23.74
CA TRP A 64 30.44 -27.02 23.83
C TRP A 64 30.88 -27.30 25.27
N TRP A 65 30.17 -26.66 26.21
CA TRP A 65 30.45 -26.81 27.64
C TRP A 65 29.92 -28.15 28.15
N LEU A 66 28.92 -28.69 27.46
CA LEU A 66 28.44 -30.05 27.69
C LEU A 66 29.47 -31.04 27.13
N ILE A 67 30.17 -30.61 26.09
CA ILE A 67 31.26 -31.39 25.49
C ILE A 67 32.57 -31.20 26.24
N ALA A 68 32.56 -30.30 27.23
CA ALA A 68 33.72 -30.10 28.10
C ALA A 68 33.31 -30.16 29.58
N CYS A 85 39.26 -31.93 21.95
CA CYS A 85 38.47 -31.16 20.98
C CYS A 85 38.50 -29.65 21.25
N VAL A 86 38.79 -29.27 22.49
CA VAL A 86 38.80 -27.87 22.90
C VAL A 86 40.19 -27.29 23.10
N THR A 87 40.36 -26.01 22.78
CA THR A 87 41.63 -25.30 22.97
C THR A 87 41.36 -23.97 23.68
N ASN A 88 42.15 -23.69 24.71
CA ASN A 88 42.09 -22.44 25.48
C ASN A 88 40.67 -22.02 25.91
N LEU A 89 40.00 -22.90 26.67
CA LEU A 89 38.64 -22.65 27.16
C LEU A 89 38.56 -22.80 28.68
N ASN A 90 38.08 -21.76 29.35
CA ASN A 90 37.98 -21.76 30.82
C ASN A 90 36.52 -21.84 31.33
N GLY A 91 35.99 -20.70 31.80
CA GLY A 91 34.63 -20.63 32.34
C GLY A 91 33.56 -20.60 31.26
N PHE A 92 32.44 -19.93 31.55
CA PHE A 92 31.32 -19.85 30.60
C PHE A 92 31.62 -18.92 29.41
N VAL A 93 32.17 -17.74 29.71
CA VAL A 93 32.42 -16.68 28.72
C VAL A 93 33.31 -17.16 27.56
N SER A 94 34.17 -18.14 27.84
CA SER A 94 35.13 -18.63 26.85
C SER A 94 34.51 -19.46 25.73
N ALA A 95 33.45 -20.21 26.05
CA ALA A 95 32.76 -21.04 25.06
C ALA A 95 31.98 -20.20 24.04
N PHE A 96 31.50 -19.05 24.50
CA PHE A 96 30.74 -18.11 23.69
C PHE A 96 31.59 -17.63 22.52
N LEU A 97 32.67 -16.92 22.82
CA LEU A 97 33.60 -16.39 21.82
C LEU A 97 34.04 -17.42 20.78
N PHE A 98 33.89 -18.70 21.12
CA PHE A 98 34.15 -19.77 20.17
C PHE A 98 32.90 -20.02 19.34
N SER A 99 31.81 -20.37 20.02
CA SER A 99 30.52 -20.68 19.39
C SER A 99 30.12 -19.59 18.39
N ILE A 100 30.44 -18.36 18.75
CA ILE A 100 30.24 -17.20 17.89
C ILE A 100 31.23 -17.25 16.73
N GLU A 101 32.52 -17.37 17.04
CA GLU A 101 33.57 -17.43 16.01
C GLU A 101 33.46 -18.66 15.11
N THR A 102 32.74 -19.68 15.57
CA THR A 102 32.52 -20.86 14.76
C THR A 102 31.34 -20.65 13.82
N GLU A 103 30.31 -19.96 14.32
CA GLU A 103 29.05 -19.78 13.60
C GLU A 103 29.12 -18.65 12.57
N THR A 104 29.78 -17.56 12.93
CA THR A 104 30.09 -16.48 11.99
C THR A 104 31.28 -16.92 11.15
N THR A 105 31.86 -18.04 11.56
CA THR A 105 33.02 -18.66 10.93
C THR A 105 34.28 -17.77 11.05
N ILE A 106 34.38 -17.04 12.17
CA ILE A 106 35.58 -16.23 12.45
C ILE A 106 36.77 -17.15 12.77
N GLY A 107 36.69 -17.90 13.87
CA GLY A 107 37.74 -18.84 14.25
C GLY A 107 39.13 -18.23 14.35
N TYR A 108 39.35 -17.46 15.41
CA TYR A 108 40.58 -16.69 15.57
C TYR A 108 41.85 -17.51 15.61
N GLY A 109 41.76 -18.76 16.06
CA GLY A 109 42.92 -19.63 16.14
C GLY A 109 43.55 -19.67 17.52
N TYR A 110 42.94 -18.94 18.45
CA TYR A 110 43.30 -19.04 19.85
C TYR A 110 42.46 -20.15 20.49
N ARG A 111 41.27 -20.33 19.93
CA ARG A 111 40.35 -21.41 20.32
C ARG A 111 40.09 -22.30 19.10
N VAL A 112 40.86 -23.36 18.96
CA VAL A 112 40.73 -24.27 17.82
C VAL A 112 40.23 -25.66 18.23
N ILE A 113 40.13 -26.56 17.25
CA ILE A 113 39.59 -27.90 17.49
C ILE A 113 40.65 -29.00 17.49
N THR A 114 40.48 -29.99 18.35
CA THR A 114 41.30 -31.19 18.35
C THR A 114 40.46 -32.39 17.90
N ASP A 115 41.08 -33.56 17.79
CA ASP A 115 40.40 -34.76 17.31
C ASP A 115 40.18 -35.83 18.39
N LYS A 116 40.35 -35.44 19.66
CA LYS A 116 40.26 -36.39 20.79
C LYS A 116 38.85 -36.98 20.96
N CYS A 117 37.83 -36.14 20.73
CA CYS A 117 36.44 -36.54 20.91
C CYS A 117 35.70 -36.70 19.57
N PRO A 118 34.77 -37.66 19.50
CA PRO A 118 33.96 -37.74 18.28
C PRO A 118 32.89 -36.65 18.23
N GLU A 119 32.32 -36.33 19.40
CA GLU A 119 31.16 -35.44 19.51
C GLU A 119 31.40 -34.01 19.01
N GLY A 120 32.50 -33.40 19.44
CA GLY A 120 32.79 -32.00 19.09
C GLY A 120 32.95 -31.79 17.60
N ILE A 121 33.52 -32.77 16.92
CA ILE A 121 33.80 -32.69 15.49
C ILE A 121 32.55 -32.68 14.63
N ILE A 122 31.48 -33.30 15.12
CA ILE A 122 30.20 -33.35 14.39
C ILE A 122 29.24 -32.21 14.76
N LEU A 123 29.32 -31.71 15.99
CA LEU A 123 28.53 -30.55 16.42
C LEU A 123 28.79 -29.36 15.50
N LEU A 124 30.06 -29.12 15.21
CA LEU A 124 30.54 -28.04 14.36
C LEU A 124 29.90 -28.03 12.97
N LEU A 125 29.45 -29.20 12.52
CA LEU A 125 28.88 -29.35 11.19
C LEU A 125 27.41 -28.99 11.26
N ILE A 126 26.70 -29.61 12.20
CA ILE A 126 25.30 -29.26 12.45
C ILE A 126 25.19 -27.76 12.74
N GLN A 127 26.14 -27.24 13.51
CA GLN A 127 26.17 -25.82 13.86
C GLN A 127 26.32 -24.92 12.63
N SER A 128 27.27 -25.26 11.75
CA SER A 128 27.60 -24.42 10.61
C SER A 128 26.63 -24.63 9.46
N VAL A 129 25.94 -25.76 9.47
CA VAL A 129 24.79 -25.93 8.59
C VAL A 129 23.69 -25.03 9.12
N LEU A 130 23.33 -25.18 10.41
CA LEU A 130 22.24 -24.41 11.01
C LEU A 130 22.48 -22.89 11.06
N GLY A 131 23.75 -22.50 11.19
CA GLY A 131 24.13 -21.09 11.15
C GLY A 131 23.81 -20.47 9.79
N SER A 132 23.91 -21.29 8.75
CA SER A 132 23.57 -20.84 7.41
C SER A 132 22.06 -20.72 7.21
N ILE A 133 21.28 -21.53 7.92
CA ILE A 133 19.82 -21.38 7.90
C ILE A 133 19.41 -20.03 8.47
N VAL A 134 19.89 -19.70 9.68
CA VAL A 134 19.49 -18.47 10.35
C VAL A 134 19.83 -17.24 9.50
N ASN A 135 21.01 -17.27 8.88
CA ASN A 135 21.40 -16.21 7.97
C ASN A 135 20.40 -16.03 6.82
N ALA A 136 19.97 -17.14 6.24
CA ALA A 136 19.02 -17.11 5.11
C ALA A 136 17.68 -16.53 5.51
N PHE A 137 17.19 -16.91 6.68
CA PHE A 137 15.96 -16.33 7.22
C PHE A 137 16.12 -14.83 7.37
N MET A 138 17.35 -14.40 7.66
CA MET A 138 17.63 -12.98 7.84
C MET A 138 17.80 -12.19 6.54
N VAL A 139 18.64 -12.67 5.63
CA VAL A 139 18.83 -12.03 4.32
C VAL A 139 17.52 -11.91 3.54
N GLY A 140 16.84 -13.04 3.36
CA GLY A 140 15.53 -13.06 2.74
C GLY A 140 14.58 -12.16 3.52
N CYS A 141 14.76 -12.13 4.83
CA CYS A 141 13.93 -11.28 5.67
C CYS A 141 14.17 -9.81 5.34
N MET A 142 15.44 -9.46 5.13
CA MET A 142 15.83 -8.08 4.84
C MET A 142 15.43 -7.63 3.46
N PHE A 143 15.70 -8.47 2.46
CA PHE A 143 15.35 -8.18 1.09
C PHE A 143 13.93 -7.62 1.00
N VAL A 144 12.95 -8.39 1.46
CA VAL A 144 11.55 -7.98 1.37
C VAL A 144 11.33 -6.66 2.05
N LYS A 145 11.95 -6.52 3.23
CA LYS A 145 11.81 -5.36 4.09
C LYS A 145 12.23 -4.08 3.37
N ILE A 146 13.35 -4.15 2.66
CA ILE A 146 13.81 -3.03 1.87
C ILE A 146 13.02 -2.96 0.56
N SER A 147 12.69 -4.12 -0.02
CA SER A 147 12.03 -4.14 -1.33
C SER A 147 10.52 -3.91 -1.30
N GLN A 148 9.89 -4.21 -0.18
CA GLN A 148 8.46 -3.96 0.00
C GLN A 148 8.13 -2.58 -0.56
N PRO A 149 7.07 -2.51 -1.39
CA PRO A 149 6.82 -1.31 -2.18
C PRO A 149 5.80 -0.36 -1.56
N LYS A 150 5.44 -0.58 -0.29
CA LYS A 150 4.57 0.35 0.41
C LYS A 150 5.24 1.71 0.36
N LYS A 151 6.57 1.68 0.50
CA LYS A 151 7.41 2.88 0.42
C LYS A 151 7.37 3.51 -0.98
N ALA A 152 7.36 2.67 -2.00
CA ALA A 152 7.25 3.13 -3.39
C ALA A 152 5.98 3.91 -3.64
N ALA A 153 4.85 3.35 -3.18
CA ALA A 153 3.55 3.92 -3.46
C ALA A 153 3.25 5.16 -2.62
N GLU A 154 4.20 5.54 -1.76
CA GLU A 154 3.99 6.70 -0.90
C GLU A 154 4.00 8.00 -1.69
N THR A 155 4.61 7.99 -2.87
CA THR A 155 4.63 9.18 -3.74
C THR A 155 3.40 9.28 -4.66
N LEU A 156 2.57 8.24 -4.68
CA LEU A 156 1.28 8.32 -5.37
C LEU A 156 0.37 9.25 -4.60
N VAL A 157 -0.43 10.04 -5.31
CA VAL A 157 -1.33 11.01 -4.66
C VAL A 157 -2.66 11.21 -5.35
N PHE A 158 -3.69 11.32 -4.50
CA PHE A 158 -5.05 11.56 -4.90
C PHE A 158 -5.43 12.99 -4.52
N SER A 159 -6.24 13.62 -5.36
CA SER A 159 -6.71 14.96 -5.06
C SER A 159 -7.40 14.85 -3.73
N THR A 160 -7.43 15.96 -3.01
CA THR A 160 -7.96 15.99 -1.68
C THR A 160 -9.51 15.98 -1.66
N HIS A 161 -10.11 16.32 -2.80
CA HIS A 161 -11.55 16.30 -2.99
C HIS A 161 -11.86 15.72 -4.33
N ALA A 162 -13.15 15.44 -4.54
CA ALA A 162 -13.69 15.03 -5.81
C ALA A 162 -14.58 16.19 -6.26
N VAL A 163 -14.85 16.29 -7.55
CA VAL A 163 -15.80 17.29 -8.01
C VAL A 163 -16.89 16.70 -8.90
N ILE A 164 -18.08 17.30 -8.86
CA ILE A 164 -19.14 16.93 -9.81
C ILE A 164 -19.40 18.15 -10.64
N SER A 165 -19.27 17.99 -11.96
CA SER A 165 -19.64 19.03 -12.92
C SER A 165 -19.67 18.53 -14.36
N MET A 166 -20.03 19.42 -15.27
CA MET A 166 -20.48 18.98 -16.58
C MET A 166 -19.31 18.95 -17.50
N ARG A 167 -19.38 18.10 -18.52
CA ARG A 167 -18.24 17.88 -19.38
C ARG A 167 -18.73 17.30 -20.69
N ASP A 168 -18.73 18.12 -21.75
CA ASP A 168 -19.28 17.68 -23.02
C ASP A 168 -20.71 17.15 -22.88
N GLY A 169 -21.51 17.87 -22.10
CA GLY A 169 -22.93 17.61 -21.97
C GLY A 169 -23.27 16.64 -20.88
N LYS A 170 -22.31 15.84 -20.45
CA LYS A 170 -22.62 14.80 -19.48
C LYS A 170 -22.06 15.17 -18.09
N LEU A 171 -22.84 14.92 -17.04
CA LEU A 171 -22.40 15.28 -15.68
C LEU A 171 -21.43 14.23 -15.18
N CYS A 172 -20.33 14.67 -14.56
CA CYS A 172 -19.23 13.76 -14.21
C CYS A 172 -18.73 13.96 -12.82
N LEU A 173 -18.34 12.86 -12.18
CA LEU A 173 -17.63 12.89 -10.92
C LEU A 173 -16.13 12.69 -11.17
N MET A 174 -15.30 13.59 -10.65
CA MET A 174 -13.90 13.62 -11.07
C MET A 174 -13.00 13.75 -9.88
N PHE A 175 -11.92 12.96 -9.89
CA PHE A 175 -10.85 13.14 -8.93
C PHE A 175 -9.53 13.14 -9.65
N ARG A 176 -8.52 13.73 -9.02
CA ARG A 176 -7.22 13.83 -9.65
C ARG A 176 -6.27 12.81 -9.08
N VAL A 177 -5.42 12.27 -9.95
CA VAL A 177 -4.49 11.24 -9.62
C VAL A 177 -3.07 11.63 -10.11
N GLY A 178 -2.02 11.20 -9.40
CA GLY A 178 -0.66 11.51 -9.83
C GLY A 178 0.41 10.87 -8.98
N ASP A 179 1.62 10.78 -9.53
CA ASP A 179 2.79 10.29 -8.79
C ASP A 179 3.81 11.42 -8.66
N LEU A 180 4.31 11.66 -7.45
CA LEU A 180 5.20 12.80 -7.20
C LEU A 180 6.60 12.66 -7.78
N ARG A 181 7.01 11.44 -8.08
CA ARG A 181 8.28 11.26 -8.79
C ARG A 181 8.04 11.20 -10.31
N ASN A 182 9.02 11.68 -11.07
CA ASN A 182 9.00 11.57 -12.52
C ASN A 182 9.46 10.17 -12.93
N SER A 183 10.57 9.76 -12.33
CA SER A 183 11.31 8.59 -12.80
C SER A 183 10.57 7.25 -12.78
N HIS A 184 9.45 7.14 -12.05
CA HIS A 184 8.84 5.82 -11.87
C HIS A 184 7.33 5.72 -11.93
N ILE A 185 6.89 4.47 -12.01
CA ILE A 185 5.46 4.08 -12.12
C ILE A 185 4.56 4.92 -13.04
N VAL A 186 4.74 4.79 -14.36
CA VAL A 186 3.94 5.60 -15.30
C VAL A 186 2.71 4.84 -15.75
N GLU A 187 2.89 3.54 -16.03
CA GLU A 187 1.80 2.55 -16.13
C GLU A 187 1.10 2.47 -14.78
N ALA A 188 -0.22 2.55 -14.78
CA ALA A 188 -0.98 2.27 -13.58
C ALA A 188 -2.42 1.99 -13.94
N SER A 189 -3.24 1.65 -12.97
CA SER A 189 -4.62 1.40 -13.29
C SER A 189 -5.51 1.75 -12.11
N ILE A 190 -6.65 2.35 -12.42
CA ILE A 190 -7.48 2.97 -11.40
C ILE A 190 -8.80 2.24 -11.26
N ARG A 191 -9.26 2.14 -10.02
CA ARG A 191 -10.61 1.66 -9.75
C ARG A 191 -11.20 2.22 -8.48
N ALA A 192 -12.53 2.31 -8.44
CA ALA A 192 -13.26 2.99 -7.38
C ALA A 192 -14.48 2.17 -6.97
N LYS A 193 -14.79 2.18 -5.69
CA LYS A 193 -15.92 1.44 -5.17
C LYS A 193 -16.70 2.46 -4.41
N LEU A 194 -18.03 2.38 -4.50
CA LEU A 194 -18.89 3.22 -3.69
C LEU A 194 -19.39 2.39 -2.53
N ILE A 195 -19.19 2.91 -1.31
CA ILE A 195 -19.67 2.25 -0.08
C ILE A 195 -20.84 3.03 0.53
N LYS A 196 -21.98 2.37 0.69
CA LYS A 196 -23.21 3.01 1.07
C LYS A 196 -24.11 1.97 1.68
N SER A 197 -24.95 2.35 2.64
CA SER A 197 -25.84 1.38 3.26
C SER A 197 -26.98 1.05 2.35
N LYS A 198 -27.51 -0.14 2.53
CA LYS A 198 -28.56 -0.58 1.68
C LYS A 198 -29.54 -1.44 2.44
N GLN A 199 -30.81 -1.25 2.12
CA GLN A 199 -31.83 -2.21 2.53
C GLN A 199 -32.49 -2.80 1.29
N THR A 200 -32.52 -4.13 1.21
CA THR A 200 -33.19 -4.77 0.09
C THR A 200 -34.71 -4.71 0.29
N SER A 201 -35.47 -4.80 -0.80
CA SER A 201 -36.93 -4.86 -0.74
C SER A 201 -37.37 -5.84 0.32
N GLU A 202 -36.68 -6.97 0.42
CA GLU A 202 -37.00 -8.01 1.39
C GLU A 202 -36.59 -7.58 2.78
N GLY A 203 -36.16 -6.34 2.91
CA GLY A 203 -35.76 -5.77 4.19
C GLY A 203 -34.42 -6.21 4.77
N GLU A 204 -33.57 -6.88 3.98
CA GLU A 204 -32.24 -7.25 4.46
C GLU A 204 -31.29 -6.08 4.40
N PHE A 205 -30.56 -5.88 5.50
CA PHE A 205 -29.75 -4.68 5.70
C PHE A 205 -28.25 -4.92 5.41
N ILE A 206 -27.72 -4.10 4.52
CA ILE A 206 -26.31 -4.22 4.16
C ILE A 206 -25.64 -2.89 4.47
N PRO A 207 -24.99 -2.83 5.66
CA PRO A 207 -24.26 -1.70 6.23
C PRO A 207 -23.28 -1.08 5.22
N LEU A 208 -22.37 -1.90 4.69
CA LEU A 208 -21.32 -1.36 3.85
C LEU A 208 -21.37 -1.91 2.46
N ASN A 209 -22.56 -2.15 1.93
CA ASN A 209 -22.67 -2.59 0.53
C ASN A 209 -21.76 -1.78 -0.35
N GLN A 210 -21.07 -2.44 -1.27
CA GLN A 210 -20.20 -1.71 -2.16
C GLN A 210 -20.49 -2.01 -3.63
N THR A 211 -20.39 -0.97 -4.46
CA THR A 211 -20.54 -1.15 -5.89
C THR A 211 -19.41 -0.49 -6.67
N ASP A 212 -18.90 -1.18 -7.69
CA ASP A 212 -17.81 -0.68 -8.55
C ASP A 212 -18.31 0.60 -9.19
N ILE A 213 -17.46 1.59 -9.35
CA ILE A 213 -17.84 2.85 -9.95
C ILE A 213 -17.07 2.91 -11.24
N ASN A 214 -17.79 3.06 -12.35
CA ASN A 214 -17.16 3.01 -13.68
C ASN A 214 -16.19 4.15 -13.94
N VAL A 215 -14.89 3.84 -14.04
CA VAL A 215 -13.87 4.84 -14.36
C VAL A 215 -12.96 4.39 -15.52
N GLY A 216 -13.46 3.50 -16.37
CA GLY A 216 -12.80 3.24 -17.65
C GLY A 216 -12.78 1.79 -18.09
N TYR A 217 -13.21 0.94 -17.19
CA TYR A 217 -13.19 -0.51 -17.37
C TYR A 217 -13.65 -1.00 -18.76
N TYR A 218 -14.79 -0.54 -19.24
CA TYR A 218 -15.33 -1.14 -20.45
C TYR A 218 -14.55 -0.73 -21.65
N THR A 219 -14.00 0.48 -21.62
CA THR A 219 -13.24 0.99 -22.76
C THR A 219 -11.77 0.83 -22.58
N GLY A 220 -11.33 0.51 -21.38
CA GLY A 220 -9.91 0.29 -21.13
C GLY A 220 -9.25 1.60 -20.79
N ASP A 221 -10.07 2.58 -20.48
CA ASP A 221 -9.57 3.87 -20.07
C ASP A 221 -9.20 3.92 -18.58
N ASP A 222 -9.27 2.78 -17.93
CA ASP A 222 -8.88 2.74 -16.53
C ASP A 222 -7.42 2.32 -16.39
N ARG A 223 -6.79 2.10 -17.53
CA ARG A 223 -5.38 1.77 -17.64
C ARG A 223 -4.65 3.07 -17.89
N LEU A 224 -4.22 3.70 -16.80
CA LEU A 224 -3.58 4.99 -16.84
C LEU A 224 -2.19 4.98 -17.46
N PHE A 225 -1.81 6.15 -17.97
CA PHE A 225 -0.43 6.43 -18.38
C PHE A 225 -0.05 7.76 -17.74
N LEU A 226 0.59 7.67 -16.57
CA LEU A 226 0.87 8.82 -15.70
C LEU A 226 2.00 9.72 -16.16
N VAL A 227 1.83 10.35 -17.32
CA VAL A 227 2.78 11.32 -17.79
C VAL A 227 2.77 12.45 -16.74
N SER A 228 1.64 13.14 -16.68
CA SER A 228 1.41 14.18 -15.72
C SER A 228 0.17 13.75 -14.92
N PRO A 229 -0.14 14.43 -13.80
CA PRO A 229 -1.32 14.01 -13.01
C PRO A 229 -2.57 14.05 -13.85
N LEU A 230 -3.42 13.04 -13.73
CA LEU A 230 -4.60 12.93 -14.57
C LEU A 230 -5.88 13.19 -13.82
N ILE A 231 -6.87 13.75 -14.48
CA ILE A 231 -8.21 13.79 -13.91
C ILE A 231 -8.96 12.53 -14.30
N ILE A 232 -9.18 11.65 -13.33
CA ILE A 232 -9.98 10.47 -13.56
C ILE A 232 -11.43 10.91 -13.57
N SER A 233 -12.17 10.52 -14.60
CA SER A 233 -13.57 10.93 -14.68
C SER A 233 -14.53 9.77 -14.63
N HIS A 234 -15.62 9.93 -13.91
CA HIS A 234 -16.70 8.97 -13.96
C HIS A 234 -17.95 9.67 -14.49
N GLU A 235 -18.39 9.30 -15.69
CA GLU A 235 -19.58 9.90 -16.28
C GLU A 235 -20.77 9.31 -15.57
N ILE A 236 -21.62 10.19 -15.04
CA ILE A 236 -22.76 9.82 -14.23
C ILE A 236 -23.90 9.54 -15.17
N ASN A 237 -24.17 8.26 -15.41
CA ASN A 237 -25.22 7.87 -16.34
C ASN A 237 -26.23 6.91 -15.71
N GLN A 238 -27.20 6.44 -16.48
CA GLN A 238 -28.24 5.60 -15.91
C GLN A 238 -27.73 4.46 -15.02
N GLN A 239 -26.53 3.95 -15.29
CA GLN A 239 -25.94 2.93 -14.41
C GLN A 239 -25.19 3.46 -13.20
N SER A 240 -24.93 4.76 -13.13
CA SER A 240 -24.18 5.28 -12.01
C SER A 240 -24.99 5.26 -10.74
N PRO A 241 -24.36 4.93 -9.60
CA PRO A 241 -25.06 5.09 -8.32
C PRO A 241 -25.43 6.53 -8.06
N PHE A 242 -24.90 7.44 -8.88
CA PHE A 242 -25.02 8.87 -8.68
C PHE A 242 -26.08 9.51 -9.54
N TRP A 243 -26.83 8.66 -10.23
CA TRP A 243 -27.78 9.05 -11.28
C TRP A 243 -28.87 10.01 -10.81
N GLU A 244 -29.38 9.79 -9.59
CA GLU A 244 -30.50 10.57 -9.09
C GLU A 244 -30.16 11.56 -7.98
N ILE A 245 -28.88 11.64 -7.62
CA ILE A 245 -28.42 12.63 -6.66
C ILE A 245 -28.37 13.99 -7.37
N SER A 246 -29.11 14.96 -6.84
CA SER A 246 -29.03 16.35 -7.31
C SER A 246 -28.05 17.07 -6.40
N LYS A 247 -27.75 18.34 -6.73
CA LYS A 247 -26.91 19.17 -5.86
C LYS A 247 -27.50 19.23 -4.45
N ALA A 248 -28.78 19.59 -4.37
CA ALA A 248 -29.53 19.59 -3.11
C ALA A 248 -29.48 18.25 -2.34
N GLN A 249 -29.62 17.12 -3.03
CA GLN A 249 -29.61 15.83 -2.32
C GLN A 249 -28.24 15.54 -1.71
N LEU A 250 -27.18 15.82 -2.46
CA LEU A 250 -25.87 15.28 -2.11
C LEU A 250 -25.54 15.37 -0.63
N PRO A 251 -25.67 16.56 -0.02
CA PRO A 251 -25.29 16.71 1.38
C PRO A 251 -26.06 15.78 2.30
N LYS A 252 -27.25 15.37 1.88
CA LYS A 252 -28.12 14.52 2.69
C LYS A 252 -27.76 13.05 2.53
N GLU A 253 -27.01 12.73 1.49
CA GLU A 253 -26.57 11.36 1.23
C GLU A 253 -25.42 10.93 2.15
N GLU A 254 -25.44 9.65 2.54
CA GLU A 254 -24.40 9.11 3.44
C GLU A 254 -23.58 8.06 2.70
N LEU A 255 -22.61 8.53 1.95
CA LEU A 255 -21.90 7.68 1.02
C LEU A 255 -20.40 8.00 1.04
N GLU A 256 -19.59 7.04 0.61
CA GLU A 256 -18.14 7.17 0.62
C GLU A 256 -17.53 6.38 -0.54
N ILE A 257 -16.69 7.07 -1.30
CA ILE A 257 -16.02 6.54 -2.47
C ILE A 257 -14.60 6.19 -2.09
N VAL A 258 -14.26 4.92 -2.27
CA VAL A 258 -12.91 4.45 -2.01
C VAL A 258 -12.25 4.38 -3.38
N VAL A 259 -11.00 4.79 -3.46
CA VAL A 259 -10.35 4.93 -4.73
C VAL A 259 -9.03 4.20 -4.71
N ILE A 260 -8.86 3.26 -5.60
CA ILE A 260 -7.71 2.39 -5.52
C ILE A 260 -6.84 2.54 -6.75
N LEU A 261 -5.55 2.61 -6.53
CA LEU A 261 -4.64 2.73 -7.63
C LEU A 261 -3.58 1.67 -7.46
N GLU A 262 -3.41 0.89 -8.52
CA GLU A 262 -2.41 -0.18 -8.56
C GLU A 262 -1.57 0.03 -9.81
N GLY A 263 -0.27 0.26 -9.61
CA GLY A 263 0.67 0.49 -10.69
C GLY A 263 1.93 -0.32 -10.48
N MET A 264 2.90 -0.14 -11.36
CA MET A 264 4.16 -0.91 -11.26
C MET A 264 5.34 0.03 -11.33
N VAL A 265 6.32 -0.19 -10.46
CA VAL A 265 7.55 0.60 -10.43
C VAL A 265 8.43 0.24 -11.61
N GLU A 266 8.78 1.24 -12.41
CA GLU A 266 9.54 0.97 -13.64
C GLU A 266 10.82 0.23 -13.28
N ALA A 267 11.65 0.87 -12.45
CA ALA A 267 12.94 0.33 -12.03
C ALA A 267 12.88 -1.04 -11.34
N THR A 268 11.71 -1.43 -10.86
CA THR A 268 11.57 -2.71 -10.18
C THR A 268 10.22 -3.35 -10.49
N GLY A 269 10.29 -4.50 -11.14
CA GLY A 269 9.10 -5.25 -11.55
C GLY A 269 7.86 -5.14 -10.68
N MET A 270 8.04 -5.23 -9.36
CA MET A 270 6.93 -5.35 -8.39
C MET A 270 5.83 -4.27 -8.48
N THR A 271 4.62 -4.65 -8.07
CA THR A 271 3.46 -3.75 -8.11
C THR A 271 3.01 -3.29 -6.72
N CYS A 272 2.27 -2.19 -6.70
CA CYS A 272 1.96 -1.48 -5.47
C CYS A 272 0.54 -0.97 -5.48
N GLN A 273 -0.09 -0.92 -4.31
CA GLN A 273 -1.42 -0.36 -4.18
C GLN A 273 -1.36 0.96 -3.43
N ALA A 274 -2.28 1.88 -3.76
CA ALA A 274 -2.42 3.14 -3.03
C ALA A 274 -3.88 3.47 -3.03
N ARG A 275 -4.42 3.90 -1.90
CA ARG A 275 -5.85 4.16 -1.82
C ARG A 275 -6.12 5.43 -1.07
N SER A 276 -7.31 5.97 -1.31
CA SER A 276 -7.79 7.10 -0.57
C SER A 276 -9.31 6.97 -0.47
N SER A 277 -9.95 7.96 0.13
CA SER A 277 -11.38 7.92 0.26
C SER A 277 -11.92 9.31 0.05
N TYR A 278 -13.13 9.40 -0.51
CA TYR A 278 -13.87 10.65 -0.51
C TYR A 278 -15.20 10.40 0.19
N ILE A 279 -15.43 11.11 1.28
CA ILE A 279 -16.74 11.08 1.93
C ILE A 279 -17.61 12.23 1.44
N THR A 280 -18.92 12.05 1.60
CA THR A 280 -19.93 12.88 0.96
C THR A 280 -19.51 14.37 0.98
N SER A 281 -19.04 14.85 2.12
CA SER A 281 -18.66 16.27 2.23
C SER A 281 -17.34 16.69 1.55
N GLU A 282 -16.69 15.77 0.85
CA GLU A 282 -15.44 16.09 0.15
C GLU A 282 -15.70 16.03 -1.35
N ILE A 283 -16.99 15.91 -1.71
CA ILE A 283 -17.41 15.93 -3.10
C ILE A 283 -17.94 17.32 -3.39
N LEU A 284 -17.22 18.14 -4.15
CA LEU A 284 -17.72 19.50 -4.35
C LEU A 284 -18.56 19.59 -5.63
N TRP A 285 -19.81 20.01 -5.50
CA TRP A 285 -20.71 20.11 -6.67
C TRP A 285 -20.47 21.43 -7.38
N GLY A 286 -20.28 21.37 -8.68
CA GLY A 286 -20.15 22.57 -9.47
C GLY A 286 -18.75 23.16 -9.50
N TYR A 287 -17.75 22.36 -9.17
CA TYR A 287 -16.34 22.76 -9.31
C TYR A 287 -15.57 22.05 -10.43
N ARG A 288 -14.27 22.33 -10.50
CA ARG A 288 -13.43 21.92 -11.61
C ARG A 288 -11.98 21.96 -11.17
N PHE A 289 -11.13 21.06 -11.66
CA PHE A 289 -9.74 21.05 -11.20
C PHE A 289 -8.89 22.08 -11.91
N THR A 290 -8.13 22.85 -11.14
CA THR A 290 -7.14 23.76 -11.71
C THR A 290 -6.19 22.96 -12.59
N PRO A 291 -5.91 23.43 -13.83
CA PRO A 291 -4.85 22.80 -14.61
C PRO A 291 -3.53 22.85 -13.85
N VAL A 292 -2.71 21.81 -13.97
CA VAL A 292 -1.39 21.83 -13.33
C VAL A 292 -0.25 21.95 -14.35
N LEU A 293 -0.56 21.62 -15.59
CA LEU A 293 0.45 21.57 -16.63
C LEU A 293 0.43 22.86 -17.39
N THR A 294 1.62 23.36 -17.67
CA THR A 294 1.86 24.64 -18.32
C THR A 294 3.11 24.52 -19.17
N LEU A 295 3.28 25.45 -20.12
CA LEU A 295 4.45 25.45 -21.02
C LEU A 295 5.60 26.32 -20.49
N GLU A 296 6.84 25.93 -20.75
CA GLU A 296 7.98 26.66 -20.20
C GLU A 296 9.23 26.58 -21.10
N ASP A 297 9.58 27.72 -21.70
CA ASP A 297 10.76 27.84 -22.58
C ASP A 297 10.85 26.72 -23.62
N GLY A 298 9.68 26.35 -24.18
CA GLY A 298 9.57 25.19 -25.06
C GLY A 298 9.76 23.89 -24.28
N PHE A 299 8.87 23.67 -23.31
CA PHE A 299 8.90 22.47 -22.48
C PHE A 299 7.60 22.38 -21.68
N TYR A 300 7.43 21.28 -20.95
CA TYR A 300 6.25 21.09 -20.12
C TYR A 300 6.67 20.87 -18.67
N GLU A 301 6.09 21.69 -17.81
CA GLU A 301 6.37 21.61 -16.39
C GLU A 301 5.07 21.48 -15.65
N VAL A 302 5.03 20.53 -14.74
CA VAL A 302 3.86 20.31 -13.90
C VAL A 302 3.97 21.12 -12.62
N ASP A 303 3.07 22.07 -12.45
CA ASP A 303 3.04 22.90 -11.24
C ASP A 303 2.25 22.22 -10.12
N TYR A 304 2.92 21.28 -9.45
CA TYR A 304 2.32 20.43 -8.41
C TYR A 304 1.69 21.18 -7.25
N ASN A 305 1.79 22.50 -7.27
CA ASN A 305 1.14 23.33 -6.28
C ASN A 305 -0.34 23.45 -6.55
N SER A 306 -0.70 23.53 -7.81
CA SER A 306 -2.10 23.55 -8.17
C SER A 306 -2.74 22.16 -8.17
N PHE A 307 -2.09 21.17 -7.53
CA PHE A 307 -2.56 19.79 -7.61
C PHE A 307 -3.94 19.54 -7.02
N HIS A 308 -4.13 20.01 -5.78
CA HIS A 308 -5.39 19.80 -5.04
C HIS A 308 -6.40 20.89 -5.35
N GLU A 309 -5.97 21.91 -6.11
CA GLU A 309 -6.74 23.12 -6.30
C GLU A 309 -7.89 22.94 -7.26
N THR A 310 -9.07 23.38 -6.83
CA THR A 310 -10.27 23.39 -7.66
C THR A 310 -10.79 24.79 -7.81
N TYR A 311 -11.86 24.94 -8.58
CA TYR A 311 -12.55 26.22 -8.74
C TYR A 311 -13.96 25.97 -9.26
N GLU A 312 -14.90 26.88 -9.00
CA GLU A 312 -16.27 26.63 -9.45
C GLU A 312 -16.61 27.18 -10.83
N THR A 313 -17.63 26.60 -11.43
CA THR A 313 -18.17 27.06 -12.70
C THR A 313 -19.66 26.79 -12.73
N SER A 314 -20.36 27.57 -13.54
CA SER A 314 -21.80 27.45 -13.66
C SER A 314 -22.06 26.05 -14.13
N THR A 315 -22.90 25.38 -13.35
CA THR A 315 -23.16 23.95 -13.43
C THR A 315 -24.61 23.75 -12.98
N PRO A 316 -25.41 23.00 -13.77
CA PRO A 316 -26.77 22.71 -13.35
C PRO A 316 -26.83 22.17 -11.94
N SER A 317 -27.92 22.46 -11.24
CA SER A 317 -28.13 21.96 -9.90
C SER A 317 -28.86 20.62 -9.87
N LEU A 318 -29.30 20.19 -11.05
CA LEU A 318 -30.19 19.03 -11.20
C LEU A 318 -29.42 17.74 -11.13
N SER A 319 -30.10 16.63 -10.80
CA SER A 319 -29.47 15.32 -10.92
C SER A 319 -29.18 15.03 -12.37
N ALA A 320 -28.32 14.05 -12.62
CA ALA A 320 -28.06 13.59 -13.98
C ALA A 320 -29.33 13.05 -14.63
N LYS A 321 -30.08 12.22 -13.93
CA LYS A 321 -31.33 11.71 -14.46
C LYS A 321 -32.27 12.80 -14.98
N GLU A 322 -32.45 13.85 -14.20
CA GLU A 322 -33.38 14.89 -14.60
C GLU A 322 -32.81 15.74 -15.73
N LEU A 323 -31.48 15.76 -15.89
CA LEU A 323 -30.85 16.50 -16.99
C LEU A 323 -31.10 15.81 -18.31
N ALA A 324 -30.90 14.49 -18.30
CA ALA A 324 -31.15 13.64 -19.43
C ALA A 324 -32.57 13.84 -19.91
N GLU A 325 -33.53 13.77 -18.99
CA GLU A 325 -34.93 13.96 -19.34
C GLU A 325 -35.14 15.30 -20.02
N LEU A 326 -34.81 16.38 -19.32
CA LEU A 326 -34.89 17.70 -19.91
C LEU A 326 -34.25 17.79 -21.31
N ALA A 327 -33.13 17.10 -21.48
CA ALA A 327 -32.41 17.10 -22.77
C ALA A 327 -33.13 16.30 -23.86
N ASN A 328 -33.71 15.15 -23.50
CA ASN A 328 -34.38 14.30 -24.47
C ASN A 328 -35.71 14.87 -24.92
N ARG A 329 -36.26 15.80 -24.14
CA ARG A 329 -37.50 16.48 -24.48
C ARG A 329 -37.23 17.73 -25.32
N ALA A 330 -35.97 18.16 -25.35
CA ALA A 330 -35.55 19.22 -26.26
C ALA A 330 -34.88 18.62 -27.52
N GLU A 331 -35.69 18.38 -28.55
CA GLU A 331 -35.21 17.78 -29.79
C GLU A 331 -35.67 18.55 -31.05
N SER A 332 -36.41 19.65 -30.82
CA SER A 332 -36.78 20.62 -31.85
C SER A 332 -37.29 19.99 -33.16
K K B . 42.76 -17.69 11.57
K K C . 40.30 -17.26 10.17
K K D . 37.85 -16.82 8.77
K K E . 35.09 -16.33 7.20
K K F . -14.44 -5.93 -19.58
#